data_4TXK
#
_entry.id   4TXK
#
_cell.length_a   70.233
_cell.length_b   50.174
_cell.length_c   96.966
_cell.angle_alpha   90.00
_cell.angle_beta   101.16
_cell.angle_gamma   90.00
#
_symmetry.space_group_name_H-M   'P 1 21 1'
#
loop_
_entity.id
_entity.type
_entity.pdbx_description
1 polymer 'Protein-methionine sulfoxide oxidase MICAL1'
2 non-polymer DI(HYDROXYETHYL)ETHER
3 non-polymer 'FLAVIN-ADENINE DINUCLEOTIDE'
4 water water
#
_entity_poly.entity_id   1
_entity_poly.type   'polypeptide(L)'
_entity_poly.pdbx_seq_one_letter_code
;GASPASTNPAHDHFETFVQAQLCQDVLSSFQGLCRALGVESGGGLSQYHKIKAQLNYWSAKSLWAKLDKRASQPVYQQGQ
ACTNTKCLVVGAGPCGLRAAVELALLGARVVLVEKRIKFSRHNVLHLWPFTIHDLRALGAKKFYGRFCTGTLDHISIRQL
QLLLLKVALLLGVEIHWGVKFTGLQPPPRKGSGWRAQLQPNPPAQLASYEFDVLISAAGGKFVPEGFTIREMRGKLAIGI
TANFVNGRTVEETQVPEISGVARIYNQKFFQSLLKATGIDLENIVYYKDETHYFVMTAKKQCLLRLGVLRQDLSETDQLL
GKANVVPEALQRFARAAADFATHGKLGKLEFAQDARGRPDVAAFDFTSMMRAESSARVQEKHGARLLLGLVGDCLVEPFW
PLGTGVARGFLAAFDAAWMVKRWAEGAGPLEVLAERESLYQLLSQTSPENMHRNVAQYGLDPATRYPNLNLRAVTPNQVQ
DLYDMMDKEHAQRKSDEPDSRKTTTGSAGTEELLHWCQEQTAGFPGVHVTDFSSSWADGLALCALVHHLQPGLLEPSELQ
GMGALEATTWALRVAEHELGITPVLSAQAVMAGSDPLGLIAYLSHFHSAFKNTSH
;
_entity_poly.pdbx_strand_id   A
#
# COMPACT_ATOMS: atom_id res chain seq x y z
N THR A 7 17.16 39.30 17.05
CA THR A 7 16.26 38.43 16.32
C THR A 7 16.31 36.97 16.77
N ASN A 8 15.51 36.15 16.10
CA ASN A 8 15.37 34.73 16.39
C ASN A 8 15.82 33.93 15.15
N PRO A 9 17.03 33.33 15.21
CA PRO A 9 17.59 32.62 14.04
C PRO A 9 16.77 31.41 13.65
N ALA A 10 16.19 30.79 14.68
CA ALA A 10 15.31 29.63 14.55
C ALA A 10 14.17 29.91 13.58
N HIS A 11 13.68 31.15 13.59
CA HIS A 11 12.60 31.57 12.69
C HIS A 11 13.03 31.49 11.23
N ASP A 12 14.29 31.80 10.97
CA ASP A 12 14.83 31.78 9.63
C ASP A 12 15.11 30.35 9.20
N HIS A 13 15.63 29.56 10.14
CA HIS A 13 15.78 28.14 9.89
C HIS A 13 14.44 27.53 9.54
N PHE A 14 13.41 27.96 10.24
CA PHE A 14 12.05 27.46 10.03
C PHE A 14 11.56 27.85 8.67
N GLU A 15 11.56 29.15 8.38
CA GLU A 15 11.04 29.65 7.10
C GLU A 15 11.74 28.98 5.92
N THR A 16 13.06 28.82 6.05
CA THR A 16 13.88 28.16 5.06
C THR A 16 13.46 26.68 4.90
N PHE A 17 13.37 25.96 6.01
CA PHE A 17 12.87 24.57 6.01
C PHE A 17 11.50 24.45 5.32
N VAL A 18 10.60 25.32 5.74
CA VAL A 18 9.26 25.38 5.22
C VAL A 18 9.27 25.52 3.69
N GLN A 19 10.06 26.46 3.18
CA GLN A 19 10.09 26.76 1.74
C GLN A 19 11.00 25.89 0.88
N ALA A 20 11.62 24.87 1.48
CA ALA A 20 12.59 24.06 0.75
C ALA A 20 11.94 23.34 -0.43
N GLN A 21 12.55 23.48 -1.61
CA GLN A 21 12.01 22.88 -2.84
C GLN A 21 12.78 21.63 -3.29
N LEU A 22 13.88 21.31 -2.61
CA LEU A 22 14.65 20.10 -2.91
C LEU A 22 14.75 19.23 -1.69
N CYS A 23 14.55 17.94 -1.91
CA CYS A 23 14.55 16.93 -0.87
C CYS A 23 15.70 17.13 0.13
N GLN A 24 16.92 17.20 -0.39
CA GLN A 24 18.07 17.27 0.47
C GLN A 24 18.20 18.64 1.17
N ASP A 25 17.63 19.69 0.55
CA ASP A 25 17.50 21.02 1.19
C ASP A 25 16.43 20.97 2.31
N VAL A 26 15.33 20.24 2.11
CA VAL A 26 14.44 19.96 3.23
C VAL A 26 15.21 19.30 4.41
N LEU A 27 16.03 18.31 4.10
CA LEU A 27 16.79 17.59 5.13
C LEU A 27 17.83 18.47 5.89
N SER A 28 18.52 19.33 5.17
CA SER A 28 19.53 20.17 5.82
C SER A 28 18.88 21.34 6.55
N SER A 29 17.88 21.95 5.93
CA SER A 29 17.16 23.03 6.63
C SER A 29 16.50 22.49 7.93
N PHE A 30 16.01 21.25 7.89
CA PHE A 30 15.45 20.67 9.11
C PHE A 30 16.53 20.36 10.12
N GLN A 31 17.68 19.87 9.67
CA GLN A 31 18.74 19.58 10.62
C GLN A 31 19.28 20.87 11.27
N GLY A 32 19.37 21.96 10.50
CA GLY A 32 19.79 23.24 11.04
C GLY A 32 18.77 23.86 12.00
N LEU A 33 17.50 23.72 11.65
CA LEU A 33 16.41 24.13 12.53
C LEU A 33 16.50 23.33 13.84
N CYS A 34 16.89 22.07 13.71
CA CYS A 34 16.99 21.18 14.86
C CYS A 34 18.15 21.54 15.76
N ARG A 35 19.28 21.88 15.17
CA ARG A 35 20.47 22.22 15.93
C ARG A 35 20.24 23.56 16.60
N ALA A 36 19.41 24.37 15.95
CA ALA A 36 19.01 25.66 16.49
C ALA A 36 18.10 25.53 17.71
N LEU A 37 17.35 24.43 17.80
CA LEU A 37 16.35 24.29 18.86
C LEU A 37 16.65 23.19 19.87
N GLY A 38 17.93 22.86 20.05
CA GLY A 38 18.34 21.85 21.02
C GLY A 38 17.65 20.51 20.90
N VAL A 39 17.25 20.13 19.69
CA VAL A 39 16.68 18.82 19.47
C VAL A 39 17.39 18.08 18.34
N GLU A 40 17.15 16.78 18.24
CA GLU A 40 17.61 16.03 17.08
C GLU A 40 16.41 15.39 16.42
N SER A 41 16.49 15.27 15.11
CA SER A 41 15.44 14.65 14.31
C SER A 41 15.29 13.16 14.65
N GLY A 42 14.13 12.59 14.33
CA GLY A 42 13.87 11.21 14.62
C GLY A 42 13.30 10.95 16.00
N GLY A 43 12.93 12.01 16.72
CA GLY A 43 12.61 11.86 18.13
C GLY A 43 11.14 11.83 18.56
N GLY A 44 10.38 10.88 18.04
CA GLY A 44 8.99 10.73 18.45
C GLY A 44 8.15 12.02 18.43
N LEU A 45 7.02 12.01 19.13
CA LEU A 45 6.13 13.18 19.16
C LEU A 45 6.59 14.21 20.20
N SER A 46 7.54 13.81 21.04
CA SER A 46 8.13 14.71 22.03
C SER A 46 8.97 15.78 21.34
N GLN A 47 9.72 15.37 20.32
CA GLN A 47 10.50 16.30 19.49
C GLN A 47 9.59 17.30 18.80
N TYR A 48 8.44 16.81 18.35
CA TYR A 48 7.44 17.69 17.78
C TYR A 48 7.00 18.74 18.81
N HIS A 49 6.73 18.27 20.02
CA HIS A 49 6.24 19.17 21.07
C HIS A 49 7.26 20.24 21.40
N LYS A 50 8.56 19.91 21.36
CA LYS A 50 9.54 20.95 21.70
C LYS A 50 9.72 21.92 20.55
N ILE A 51 9.75 21.38 19.33
CA ILE A 51 9.87 22.20 18.15
C ILE A 51 8.78 23.27 18.14
N LYS A 52 7.53 22.89 18.41
CA LYS A 52 6.46 23.91 18.41
C LYS A 52 6.46 24.72 19.70
N ALA A 53 7.06 24.18 20.76
CA ALA A 53 7.21 24.94 21.98
C ALA A 53 8.03 26.19 21.73
N GLN A 54 9.17 26.02 21.07
CA GLN A 54 10.07 27.13 20.79
C GLN A 54 9.72 27.95 19.53
N LEU A 55 8.87 27.39 18.68
CA LEU A 55 8.42 28.09 17.47
C LEU A 55 6.94 28.51 17.54
N ASN A 56 6.50 28.93 18.72
CA ASN A 56 5.19 29.54 18.88
C ASN A 56 5.18 31.01 18.46
N TYR A 57 5.29 31.26 17.16
CA TYR A 57 5.26 32.63 16.66
C TYR A 57 4.44 32.74 15.37
N TRP A 58 4.31 33.95 14.84
CA TRP A 58 3.29 34.22 13.84
C TRP A 58 3.28 33.25 12.65
N SER A 59 4.45 32.99 12.09
CA SER A 59 4.54 32.16 10.90
C SER A 59 4.08 30.71 11.16
N ALA A 60 4.45 30.15 12.32
CA ALA A 60 4.18 28.74 12.58
C ALA A 60 2.80 28.42 13.20
N LYS A 61 2.14 29.45 13.73
CA LYS A 61 1.02 29.22 14.63
C LYS A 61 -0.16 28.47 14.00
N SER A 62 -0.50 28.78 12.75
CA SER A 62 -1.63 28.09 12.09
C SER A 62 -1.28 26.66 11.72
N LEU A 63 -0.04 26.43 11.30
CA LEU A 63 0.47 25.09 11.06
C LEU A 63 0.30 24.23 12.31
N TRP A 64 0.90 24.68 13.42
CA TRP A 64 0.76 23.93 14.65
C TRP A 64 -0.72 23.72 14.92
N ALA A 65 -1.52 24.75 14.64
CA ALA A 65 -2.94 24.66 14.94
C ALA A 65 -3.56 23.45 14.22
N LYS A 66 -3.43 23.40 12.90
CA LYS A 66 -3.97 22.30 12.07
C LYS A 66 -3.44 20.92 12.51
N LEU A 67 -2.12 20.83 12.63
CA LEU A 67 -1.49 19.59 13.10
C LEU A 67 -2.01 19.16 14.48
N ASP A 68 -2.37 20.13 15.32
CA ASP A 68 -2.80 19.81 16.66
C ASP A 68 -4.22 19.31 16.62
N LYS A 69 -5.02 19.94 15.77
CA LYS A 69 -6.41 19.56 15.61
C LYS A 69 -6.46 18.10 15.20
N ARG A 70 -5.57 17.70 14.29
CA ARG A 70 -5.57 16.30 13.93
C ARG A 70 -4.96 15.40 15.01
N ALA A 71 -3.85 15.84 15.62
CA ALA A 71 -3.17 15.04 16.63
C ALA A 71 -4.08 14.62 17.78
N SER A 72 -5.11 15.43 18.03
CA SER A 72 -6.00 15.22 19.17
C SER A 72 -7.38 14.65 18.80
N GLN A 73 -7.57 14.26 17.55
CA GLN A 73 -8.72 13.43 17.19
C GLN A 73 -8.65 12.13 18.03
N PRO A 74 -9.75 11.76 18.69
CA PRO A 74 -9.76 10.69 19.72
C PRO A 74 -9.07 9.37 19.35
N VAL A 75 -8.87 9.09 18.07
CA VAL A 75 -8.38 7.78 17.66
C VAL A 75 -6.90 7.57 17.99
N TYR A 76 -6.18 8.65 18.29
CA TYR A 76 -4.74 8.54 18.55
C TYR A 76 -4.45 8.44 20.05
N GLN A 77 -5.38 8.95 20.84
CA GLN A 77 -5.26 8.97 22.30
C GLN A 77 -4.04 9.75 22.75
N GLN A 78 -3.88 10.93 22.15
CA GLN A 78 -2.85 11.89 22.52
C GLN A 78 -1.45 11.32 22.26
N GLY A 79 -1.37 10.33 21.38
CA GLY A 79 -0.13 9.63 21.09
C GLY A 79 0.12 8.44 22.00
N GLN A 80 -0.93 7.89 22.62
CA GLN A 80 -0.77 6.76 23.53
C GLN A 80 -1.23 5.44 22.92
N ALA A 81 -1.90 5.52 21.77
CA ALA A 81 -2.44 4.33 21.13
C ALA A 81 -1.33 3.33 20.81
N CYS A 82 -0.42 3.71 19.92
CA CYS A 82 0.60 2.78 19.49
C CYS A 82 1.95 3.09 20.14
N THR A 83 1.88 3.61 21.37
CA THR A 83 3.05 4.06 22.08
C THR A 83 4.05 2.91 22.28
N ASN A 84 3.59 1.68 22.14
CA ASN A 84 4.48 0.53 22.31
C ASN A 84 4.72 -0.24 21.03
N THR A 85 4.37 0.36 19.90
CA THR A 85 4.58 -0.25 18.61
C THR A 85 5.86 0.27 17.96
N LYS A 86 6.60 -0.63 17.30
CA LYS A 86 7.82 -0.27 16.57
C LYS A 86 7.64 -0.59 15.09
N CYS A 87 7.74 0.45 14.26
CA CYS A 87 7.39 0.38 12.84
C CYS A 87 8.55 0.57 11.88
N LEU A 88 8.39 -0.01 10.70
CA LEU A 88 9.30 0.21 9.59
C LEU A 88 8.43 0.40 8.40
N VAL A 89 8.55 1.58 7.79
CA VAL A 89 7.84 1.87 6.57
C VAL A 89 8.85 1.71 5.45
N VAL A 90 8.47 1.04 4.38
CA VAL A 90 9.35 0.93 3.24
C VAL A 90 8.87 1.82 2.12
N GLY A 91 9.50 2.98 1.97
CA GLY A 91 9.22 3.87 0.85
C GLY A 91 8.71 5.25 1.19
N ALA A 92 9.37 6.27 0.64
CA ALA A 92 9.02 7.68 0.86
C ALA A 92 8.12 8.22 -0.24
N GLY A 93 7.42 7.33 -0.94
CA GLY A 93 6.40 7.76 -1.87
C GLY A 93 5.31 8.42 -1.06
N PRO A 94 4.36 9.09 -1.73
CA PRO A 94 3.32 9.83 -1.04
C PRO A 94 2.63 8.98 0.02
N CYS A 95 2.35 7.74 -0.35
CA CYS A 95 1.58 6.82 0.48
C CYS A 95 2.39 6.35 1.66
N GLY A 96 3.69 6.17 1.47
CA GLY A 96 4.58 5.76 2.54
C GLY A 96 4.65 6.87 3.57
N LEU A 97 4.91 8.09 3.10
CA LEU A 97 4.96 9.28 3.96
C LEU A 97 3.65 9.48 4.72
N ARG A 98 2.54 9.44 4.00
CA ARG A 98 1.23 9.52 4.61
C ARG A 98 1.04 8.50 5.74
N ALA A 99 1.36 7.25 5.43
CA ALA A 99 1.38 6.18 6.43
C ALA A 99 2.20 6.60 7.63
N ALA A 100 3.39 7.13 7.34
CA ALA A 100 4.35 7.56 8.35
C ALA A 100 3.72 8.58 9.27
N VAL A 101 2.96 9.53 8.71
CA VAL A 101 2.32 10.55 9.51
C VAL A 101 1.24 9.94 10.39
N GLU A 102 0.46 9.01 9.83
CA GLU A 102 -0.61 8.41 10.64
C GLU A 102 -0.08 7.57 11.79
N LEU A 103 0.94 6.77 11.51
CA LEU A 103 1.60 5.97 12.56
C LEU A 103 2.30 6.86 13.58
N ALA A 104 2.86 7.98 13.12
CA ALA A 104 3.53 8.91 14.04
C ALA A 104 2.54 9.50 15.01
N LEU A 105 1.41 9.96 14.46
CA LEU A 105 0.32 10.53 15.26
C LEU A 105 -0.27 9.53 16.27
N LEU A 106 -0.32 8.27 15.84
CA LEU A 106 -0.77 7.17 16.68
C LEU A 106 0.10 7.01 17.93
N GLY A 107 1.31 7.56 17.89
CA GLY A 107 2.19 7.49 19.03
C GLY A 107 3.28 6.43 18.87
N ALA A 108 3.32 5.84 17.70
CA ALA A 108 4.29 4.79 17.45
C ALA A 108 5.66 5.39 17.16
N ARG A 109 6.65 4.51 17.24
CA ARG A 109 7.97 4.77 16.74
C ARG A 109 8.02 4.47 15.24
N VAL A 110 8.14 5.52 14.44
CA VAL A 110 8.16 5.32 13.00
C VAL A 110 9.56 5.49 12.43
N VAL A 111 10.04 4.48 11.70
CA VAL A 111 11.34 4.55 11.03
C VAL A 111 11.18 4.23 9.54
N LEU A 112 11.66 5.11 8.68
CA LEU A 112 11.39 4.97 7.25
C LEU A 112 12.66 4.81 6.39
N VAL A 113 12.64 3.83 5.48
CA VAL A 113 13.77 3.67 4.56
C VAL A 113 13.35 4.02 3.13
N GLU A 114 14.12 4.89 2.49
CA GLU A 114 13.89 5.24 1.08
C GLU A 114 15.12 4.92 0.26
N LYS A 115 14.87 4.26 -0.88
CA LYS A 115 15.85 3.91 -1.90
C LYS A 115 16.59 5.09 -2.49
N ARG A 116 15.84 6.14 -2.85
CA ARG A 116 16.40 7.25 -3.61
C ARG A 116 16.84 8.39 -2.69
N ILE A 117 17.39 9.44 -3.28
CA ILE A 117 17.84 10.57 -2.47
C ILE A 117 17.31 11.89 -3.01
N LYS A 118 16.33 11.82 -3.90
CA LYS A 118 15.64 13.02 -4.32
C LYS A 118 14.23 12.65 -4.77
N PHE A 119 13.38 13.64 -4.89
CA PHE A 119 12.09 13.44 -5.48
C PHE A 119 12.18 13.84 -6.94
N SER A 120 12.24 12.83 -7.78
CA SER A 120 12.58 13.01 -9.18
C SER A 120 11.37 13.26 -10.09
N ARG A 121 10.18 12.90 -9.61
CA ARG A 121 9.06 12.68 -10.50
C ARG A 121 8.16 13.88 -10.72
N HIS A 122 7.99 14.25 -11.98
CA HIS A 122 7.23 15.45 -12.31
C HIS A 122 5.80 15.18 -12.79
N ASN A 123 5.48 13.92 -13.12
CA ASN A 123 4.13 13.60 -13.58
C ASN A 123 3.09 14.10 -12.57
N VAL A 124 1.87 14.41 -13.03
CA VAL A 124 0.87 15.01 -12.15
C VAL A 124 -0.21 14.02 -11.70
N LEU A 125 -0.57 14.06 -10.42
CA LEU A 125 -1.62 13.20 -9.85
C LEU A 125 -2.94 13.93 -9.65
N HIS A 126 -4.03 13.40 -10.20
CA HIS A 126 -5.39 13.89 -9.88
C HIS A 126 -5.74 13.65 -8.40
N LEU A 127 -6.29 14.66 -7.76
CA LEU A 127 -6.65 14.53 -6.35
C LEU A 127 -8.19 14.51 -6.14
N TRP A 128 -8.65 13.56 -5.33
CA TRP A 128 -10.06 13.49 -4.92
C TRP A 128 -10.32 14.55 -3.86
N PRO A 129 -11.58 15.04 -3.77
CA PRO A 129 -11.95 16.02 -2.74
C PRO A 129 -11.35 15.73 -1.35
N PHE A 130 -11.36 14.46 -0.95
CA PHE A 130 -10.98 14.15 0.43
C PHE A 130 -9.48 14.25 0.59
N THR A 131 -8.73 13.83 -0.42
CA THR A 131 -7.27 13.94 -0.35
C THR A 131 -6.88 15.45 -0.28
N ILE A 132 -7.60 16.29 -1.03
CA ILE A 132 -7.38 17.74 -0.98
C ILE A 132 -7.57 18.25 0.43
N HIS A 133 -8.76 18.03 0.96
CA HIS A 133 -9.06 18.46 2.32
C HIS A 133 -8.02 17.97 3.33
N ASP A 134 -7.71 16.67 3.27
CA ASP A 134 -6.71 16.06 4.15
C ASP A 134 -5.42 16.85 4.17
N LEU A 135 -4.78 16.84 3.01
CA LEU A 135 -3.53 17.55 2.77
C LEU A 135 -3.58 18.98 3.30
N ARG A 136 -4.67 19.66 2.97
CA ARG A 136 -4.95 21.01 3.46
C ARG A 136 -4.82 21.11 4.98
N ALA A 137 -5.51 20.20 5.68
CA ALA A 137 -5.49 20.16 7.14
C ALA A 137 -4.18 19.61 7.69
N LEU A 138 -3.27 19.28 6.78
CA LEU A 138 -1.89 19.02 7.18
C LEU A 138 -1.03 20.24 6.92
N GLY A 139 -1.65 21.33 6.48
CA GLY A 139 -0.95 22.58 6.25
C GLY A 139 -0.34 22.67 4.87
N ALA A 140 -1.06 22.14 3.88
CA ALA A 140 -0.55 22.00 2.53
C ALA A 140 -0.22 23.33 1.87
N LYS A 141 -1.09 24.32 2.03
CA LYS A 141 -0.83 25.62 1.41
C LYS A 141 0.26 26.39 2.17
N LYS A 142 0.56 25.99 3.41
CA LYS A 142 1.72 26.58 4.08
C LYS A 142 3.00 26.05 3.40
N PHE A 143 3.09 24.74 3.24
CA PHE A 143 4.28 24.09 2.65
C PHE A 143 4.32 24.11 1.13
N TYR A 144 3.30 24.69 0.49
CA TYR A 144 3.27 24.76 -0.96
C TYR A 144 2.76 26.12 -1.41
N GLY A 145 1.47 26.39 -1.21
CA GLY A 145 0.95 27.71 -1.54
C GLY A 145 0.40 27.80 -2.95
N ARG A 146 1.10 27.17 -3.88
CA ARG A 146 0.59 27.03 -5.24
C ARG A 146 -0.26 25.77 -5.26
N PHE A 147 -0.50 25.24 -4.07
CA PHE A 147 -1.29 24.04 -3.91
C PHE A 147 -2.76 24.28 -4.21
N CYS A 148 -3.24 23.64 -5.27
CA CYS A 148 -4.65 23.63 -5.63
C CYS A 148 -5.26 25.03 -5.64
N THR A 149 -4.70 25.89 -6.47
CA THR A 149 -5.16 27.26 -6.53
C THR A 149 -6.53 27.34 -7.24
N GLY A 150 -7.50 28.00 -6.60
CA GLY A 150 -8.82 28.12 -7.18
C GLY A 150 -9.56 26.80 -7.28
N THR A 151 -9.68 26.28 -8.50
CA THR A 151 -10.28 24.98 -8.73
C THR A 151 -9.27 24.08 -9.44
N LEU A 152 -8.13 23.88 -8.79
CA LEU A 152 -7.21 22.89 -9.28
C LEU A 152 -7.38 21.60 -8.46
N ASP A 153 -6.89 20.52 -9.06
CA ASP A 153 -7.48 19.22 -8.90
C ASP A 153 -6.42 18.19 -8.61
N HIS A 154 -5.19 18.64 -8.78
CA HIS A 154 -4.03 17.77 -8.94
C HIS A 154 -2.76 18.37 -8.31
N ILE A 155 -1.76 17.52 -8.09
CA ILE A 155 -0.44 17.99 -7.65
C ILE A 155 0.62 17.14 -8.31
N SER A 156 1.74 17.73 -8.68
CA SER A 156 2.83 16.92 -9.21
C SER A 156 3.38 16.00 -8.12
N ILE A 157 3.88 14.82 -8.49
CA ILE A 157 4.36 13.84 -7.50
C ILE A 157 5.35 14.41 -6.47
N ARG A 158 6.48 14.90 -6.94
CA ARG A 158 7.50 15.42 -6.05
C ARG A 158 7.01 16.56 -5.13
N GLN A 159 6.09 17.41 -5.60
CA GLN A 159 5.52 18.39 -4.69
C GLN A 159 4.73 17.74 -3.51
N LEU A 160 3.91 16.74 -3.81
CA LEU A 160 3.19 16.01 -2.76
C LEU A 160 4.16 15.34 -1.78
N GLN A 161 5.24 14.79 -2.37
CA GLN A 161 6.32 14.15 -1.62
C GLN A 161 6.93 15.15 -0.66
N LEU A 162 7.17 16.36 -1.15
CA LEU A 162 7.67 17.47 -0.34
C LEU A 162 6.80 17.79 0.87
N LEU A 163 5.51 18.10 0.61
CA LEU A 163 4.50 18.27 1.65
C LEU A 163 4.63 17.26 2.78
N LEU A 164 4.37 16.02 2.40
CA LEU A 164 4.28 15.00 3.42
C LEU A 164 5.66 14.73 4.03
N LEU A 165 6.72 15.15 3.34
CA LEU A 165 8.07 14.98 3.86
C LEU A 165 8.24 15.89 5.05
N LYS A 166 7.96 17.18 4.82
CA LYS A 166 8.06 18.16 5.88
C LYS A 166 7.17 17.75 7.06
N VAL A 167 5.96 17.24 6.75
CA VAL A 167 5.04 16.84 7.83
C VAL A 167 5.58 15.67 8.67
N ALA A 168 6.06 14.64 7.99
CA ALA A 168 6.60 13.47 8.66
C ALA A 168 7.83 13.83 9.47
N LEU A 169 8.70 14.65 8.90
CA LEU A 169 9.86 15.17 9.65
C LEU A 169 9.45 15.81 10.97
N LEU A 170 8.66 16.88 10.86
CA LEU A 170 8.16 17.59 12.02
C LEU A 170 7.61 16.68 13.11
N LEU A 171 6.99 15.56 12.73
CA LEU A 171 6.43 14.60 13.69
C LEU A 171 7.49 13.65 14.25
N GLY A 172 8.73 13.79 13.80
CA GLY A 172 9.82 13.03 14.40
C GLY A 172 9.85 11.61 13.89
N VAL A 173 9.35 11.44 12.68
CA VAL A 173 9.52 10.19 11.95
C VAL A 173 10.99 10.11 11.54
N GLU A 174 11.63 8.98 11.84
CA GLU A 174 13.03 8.76 11.47
C GLU A 174 13.21 8.17 10.06
N ILE A 175 13.82 8.96 9.19
CA ILE A 175 14.01 8.56 7.80
C ILE A 175 15.50 8.41 7.37
N HIS A 176 15.70 7.50 6.43
CA HIS A 176 17.01 7.14 5.90
C HIS A 176 16.93 7.10 4.38
N TRP A 177 17.84 7.78 3.72
CA TRP A 177 17.76 7.85 2.27
C TRP A 177 18.85 7.02 1.62
N GLY A 178 18.68 6.70 0.34
CA GLY A 178 19.61 5.84 -0.36
C GLY A 178 19.81 4.48 0.31
N VAL A 179 18.75 3.96 0.93
CA VAL A 179 18.83 2.68 1.61
C VAL A 179 17.71 1.78 1.16
N LYS A 180 18.05 0.77 0.38
CA LYS A 180 17.10 -0.20 -0.14
C LYS A 180 16.88 -1.39 0.80
N PHE A 181 15.60 -1.62 1.15
CA PHE A 181 15.11 -2.77 1.90
C PHE A 181 14.99 -4.00 0.99
N THR A 182 15.75 -5.07 1.29
CA THR A 182 15.74 -6.22 0.39
C THR A 182 14.89 -7.36 0.92
N GLY A 183 14.60 -7.33 2.21
CA GLY A 183 13.74 -8.34 2.79
C GLY A 183 13.98 -8.49 4.27
N LEU A 184 13.32 -9.48 4.88
CA LEU A 184 13.36 -9.64 6.34
C LEU A 184 14.50 -10.50 6.91
N GLN A 185 14.85 -10.20 8.15
CA GLN A 185 15.72 -11.05 8.94
C GLN A 185 14.95 -11.61 10.11
N PRO A 186 14.70 -12.94 10.11
CA PRO A 186 13.97 -13.51 11.25
C PRO A 186 14.74 -13.36 12.57
N PRO A 187 14.03 -13.46 13.71
CA PRO A 187 14.69 -13.37 15.02
C PRO A 187 15.61 -14.56 15.29
N PRO A 188 16.84 -14.30 15.74
CA PRO A 188 17.82 -15.35 16.04
C PRO A 188 17.40 -16.31 17.17
N ARG A 189 16.71 -15.81 18.18
CA ARG A 189 16.29 -16.64 19.32
C ARG A 189 15.17 -15.98 20.15
N LYS A 190 14.46 -16.80 20.92
CA LYS A 190 13.27 -16.45 21.71
C LYS A 190 13.10 -14.98 22.14
N GLY A 191 14.16 -14.36 22.64
CA GLY A 191 14.01 -13.01 23.14
C GLY A 191 14.12 -11.90 22.11
N SER A 192 14.23 -12.25 20.84
CA SER A 192 14.60 -11.28 19.82
C SER A 192 13.43 -10.64 19.09
N GLY A 193 13.74 -9.89 18.03
CA GLY A 193 12.74 -9.26 17.20
C GLY A 193 13.06 -9.40 15.72
N TRP A 194 12.10 -9.03 14.86
CA TRP A 194 12.27 -9.06 13.40
C TRP A 194 13.11 -7.89 12.86
N ARG A 195 14.05 -8.19 11.97
CA ARG A 195 14.86 -7.14 11.36
C ARG A 195 14.82 -7.05 9.83
N ALA A 196 15.17 -5.88 9.31
CA ALA A 196 15.34 -5.62 7.89
C ALA A 196 16.73 -5.95 7.38
N GLN A 197 16.80 -6.47 6.16
CA GLN A 197 18.07 -6.62 5.48
C GLN A 197 18.23 -5.44 4.54
N LEU A 198 19.30 -4.66 4.69
CA LEU A 198 19.38 -3.43 3.92
C LEU A 198 20.66 -3.30 3.08
N GLN A 199 20.50 -2.79 1.87
CA GLN A 199 21.61 -2.49 0.97
C GLN A 199 21.61 -0.98 0.75
N PRO A 200 22.80 -0.34 0.67
CA PRO A 200 24.10 -0.98 0.79
C PRO A 200 24.45 -1.04 2.27
N ASN A 201 25.21 -0.08 2.76
CA ASN A 201 25.53 -0.07 4.18
C ASN A 201 24.38 0.57 4.99
N PRO A 202 23.69 -0.26 5.75
CA PRO A 202 22.79 0.38 6.71
C PRO A 202 23.64 0.91 7.84
N PRO A 203 23.23 2.01 8.48
CA PRO A 203 23.95 2.45 9.68
C PRO A 203 23.85 1.38 10.77
N ALA A 204 24.91 1.19 11.55
CA ALA A 204 24.98 0.11 12.54
C ALA A 204 23.79 0.07 13.49
N GLN A 205 23.09 1.18 13.59
CA GLN A 205 21.88 1.27 14.40
C GLN A 205 20.59 0.95 13.64
N LEU A 206 20.54 1.28 12.36
CA LEU A 206 19.38 0.96 11.54
C LEU A 206 19.33 -0.54 11.30
N ALA A 207 20.51 -1.12 11.15
CA ALA A 207 20.63 -2.53 10.78
C ALA A 207 20.26 -3.41 11.96
N SER A 208 20.35 -2.85 13.16
CA SER A 208 20.13 -3.56 14.40
C SER A 208 18.74 -3.29 14.97
N TYR A 209 18.04 -2.37 14.32
CA TYR A 209 16.72 -1.91 14.74
C TYR A 209 15.65 -2.98 14.62
N GLU A 210 15.06 -3.34 15.76
CA GLU A 210 13.97 -4.33 15.79
C GLU A 210 12.59 -3.67 15.77
N PHE A 211 11.69 -4.21 14.94
CA PHE A 211 10.36 -3.64 14.73
C PHE A 211 9.30 -4.75 14.73
N ASP A 212 8.06 -4.39 15.04
CA ASP A 212 6.98 -5.37 15.08
C ASP A 212 5.92 -5.06 14.00
N VAL A 213 6.07 -3.95 13.31
CA VAL A 213 5.16 -3.64 12.19
C VAL A 213 5.94 -3.23 10.95
N LEU A 214 5.63 -3.88 9.82
CA LEU A 214 6.23 -3.56 8.52
C LEU A 214 5.16 -3.06 7.54
N ILE A 215 5.22 -1.77 7.24
CA ILE A 215 4.31 -1.16 6.27
C ILE A 215 5.10 -1.03 4.98
N SER A 216 4.81 -1.88 3.99
CA SER A 216 5.49 -1.76 2.72
C SER A 216 4.73 -0.82 1.84
N ALA A 217 5.42 0.19 1.32
CA ALA A 217 4.77 1.14 0.43
C ALA A 217 5.72 1.49 -0.72
N ALA A 218 6.17 0.46 -1.43
CA ALA A 218 7.34 0.54 -2.29
C ALA A 218 7.03 0.65 -3.81
N GLY A 219 5.79 1.01 -4.15
CA GLY A 219 5.45 1.22 -5.55
C GLY A 219 5.10 -0.06 -6.27
N GLY A 220 4.55 0.10 -7.47
CA GLY A 220 3.99 -1.01 -8.24
C GLY A 220 4.70 -2.35 -8.25
N LYS A 221 6.03 -2.32 -8.28
CA LYS A 221 6.73 -3.56 -8.57
C LYS A 221 7.58 -4.03 -7.42
N PHE A 222 7.23 -3.63 -6.20
CA PHE A 222 7.84 -4.27 -5.03
C PHE A 222 6.83 -4.78 -3.99
N VAL A 223 7.00 -6.03 -3.60
CA VAL A 223 6.13 -6.64 -2.61
C VAL A 223 6.91 -7.65 -1.79
N PRO A 224 6.71 -7.64 -0.47
CA PRO A 224 7.57 -8.51 0.33
C PRO A 224 7.29 -9.99 0.15
N GLU A 225 7.99 -10.78 0.95
CA GLU A 225 7.92 -12.22 0.88
C GLU A 225 6.69 -12.72 1.61
N GLY A 226 6.05 -13.76 1.06
CA GLY A 226 4.82 -14.31 1.60
C GLY A 226 3.63 -13.61 0.96
N PHE A 227 3.90 -12.42 0.44
CA PHE A 227 2.91 -11.62 -0.23
C PHE A 227 2.83 -12.00 -1.70
N THR A 228 1.65 -12.40 -2.13
CA THR A 228 1.51 -12.95 -3.46
C THR A 228 0.53 -12.10 -4.29
N ILE A 229 0.89 -11.81 -5.53
CA ILE A 229 0.19 -10.83 -6.37
C ILE A 229 -0.74 -11.53 -7.37
N ARG A 230 -1.90 -10.92 -7.64
CA ARG A 230 -2.82 -11.48 -8.64
C ARG A 230 -2.91 -10.60 -9.88
N GLU A 231 -2.38 -11.12 -10.99
CA GLU A 231 -2.27 -10.33 -12.21
C GLU A 231 -3.39 -10.64 -13.19
N MET A 232 -3.80 -9.62 -13.92
CA MET A 232 -4.86 -9.76 -14.90
C MET A 232 -4.86 -8.55 -15.79
N ARG A 233 -4.77 -8.79 -17.08
CA ARG A 233 -4.61 -7.71 -18.04
C ARG A 233 -5.87 -7.49 -18.86
N GLY A 234 -5.93 -6.33 -19.50
CA GLY A 234 -7.00 -6.04 -20.42
C GLY A 234 -6.46 -6.04 -21.84
N LYS A 235 -7.08 -5.24 -22.69
CA LYS A 235 -6.54 -5.04 -24.01
C LYS A 235 -5.20 -4.31 -23.87
N LEU A 236 -4.27 -4.66 -24.74
CA LEU A 236 -2.93 -4.07 -24.76
C LEU A 236 -3.05 -2.58 -24.90
N ALA A 237 -2.74 -1.85 -23.85
CA ALA A 237 -2.74 -0.41 -23.92
C ALA A 237 -1.36 0.13 -23.58
N ILE A 238 -0.99 1.24 -24.20
CA ILE A 238 0.29 1.86 -23.93
C ILE A 238 0.09 3.33 -23.60
N GLY A 239 0.55 3.75 -22.42
CA GLY A 239 0.34 5.12 -21.99
C GLY A 239 1.59 5.95 -22.10
N ILE A 240 1.48 7.10 -22.75
CA ILE A 240 2.61 8.04 -22.84
C ILE A 240 2.32 9.29 -22.00
N THR A 241 3.23 9.62 -21.08
CA THR A 241 3.09 10.88 -20.32
C THR A 241 4.20 11.84 -20.69
N ALA A 242 3.87 13.14 -20.61
CA ALA A 242 4.77 14.24 -21.02
C ALA A 242 4.63 15.48 -20.15
N ASN A 243 5.76 16.15 -19.93
CA ASN A 243 5.81 17.43 -19.22
C ASN A 243 6.49 18.53 -20.04
N PHE A 244 5.77 19.62 -20.25
CA PHE A 244 6.35 20.73 -20.96
C PHE A 244 6.60 21.88 -20.01
N VAL A 245 7.55 22.72 -20.40
CA VAL A 245 7.82 23.96 -19.69
C VAL A 245 6.52 24.71 -19.58
N ASN A 246 6.20 25.17 -18.38
CA ASN A 246 5.09 26.11 -18.18
C ASN A 246 5.63 27.49 -17.74
N GLY A 247 5.57 28.45 -18.66
CA GLY A 247 6.03 29.79 -18.37
C GLY A 247 5.05 30.62 -17.55
N ARG A 248 3.90 30.06 -17.19
CA ARG A 248 2.86 30.80 -16.47
C ARG A 248 2.56 32.15 -17.10
N THR A 249 2.60 32.23 -18.43
CA THR A 249 2.20 33.47 -19.13
C THR A 249 0.69 33.53 -19.24
N VAL A 250 0.16 34.75 -19.41
CA VAL A 250 -1.29 34.96 -19.53
C VAL A 250 -1.88 34.05 -20.60
N GLU A 251 -1.21 34.00 -21.74
CA GLU A 251 -1.67 33.16 -22.82
C GLU A 251 -1.78 31.74 -22.30
N GLU A 252 -0.67 31.26 -21.75
CA GLU A 252 -0.56 29.91 -21.22
C GLU A 252 -1.64 29.60 -20.19
N THR A 253 -1.88 30.52 -19.26
CA THR A 253 -2.85 30.31 -18.19
C THR A 253 -4.29 30.22 -18.71
N GLN A 254 -4.55 30.90 -19.81
CA GLN A 254 -5.90 30.97 -20.37
C GLN A 254 -6.25 29.76 -21.26
N VAL A 255 -5.50 28.68 -21.14
CA VAL A 255 -5.84 27.47 -21.89
C VAL A 255 -6.53 26.47 -20.97
N PRO A 256 -7.79 26.11 -21.30
CA PRO A 256 -8.52 25.12 -20.48
C PRO A 256 -7.77 23.79 -20.31
N GLU A 257 -7.99 23.14 -19.19
CA GLU A 257 -7.45 21.81 -18.99
C GLU A 257 -8.31 20.79 -19.73
N ILE A 258 -7.82 19.57 -19.79
CA ILE A 258 -8.54 18.51 -20.42
C ILE A 258 -8.63 17.39 -19.39
N SER A 259 -9.74 17.40 -18.67
CA SER A 259 -10.00 16.42 -17.61
C SER A 259 -9.90 15.02 -18.17
N GLY A 260 -10.70 14.76 -19.18
CA GLY A 260 -10.72 13.44 -19.76
C GLY A 260 -11.59 13.44 -20.98
N VAL A 261 -10.93 13.37 -22.12
CA VAL A 261 -11.64 13.37 -23.39
C VAL A 261 -11.44 11.98 -24.06
N ALA A 262 -12.50 11.18 -24.02
CA ALA A 262 -12.42 9.79 -24.47
C ALA A 262 -12.96 9.62 -25.89
N ARG A 263 -12.36 8.68 -26.63
CA ARG A 263 -12.71 8.43 -28.03
C ARG A 263 -14.13 7.89 -28.17
N ILE A 264 -14.59 7.22 -27.12
CA ILE A 264 -15.89 6.56 -27.11
C ILE A 264 -17.03 7.61 -27.22
N TYR A 265 -16.63 8.90 -27.19
CA TYR A 265 -17.55 10.03 -27.34
C TYR A 265 -17.07 11.01 -28.41
N ASN A 266 -15.94 11.68 -28.16
CA ASN A 266 -15.34 12.66 -29.08
C ASN A 266 -14.66 12.06 -30.31
N GLN A 267 -15.42 11.36 -31.13
CA GLN A 267 -14.86 10.63 -32.27
C GLN A 267 -14.32 11.57 -33.35
N LYS A 268 -14.97 12.72 -33.54
CA LYS A 268 -14.56 13.59 -34.63
C LYS A 268 -13.31 14.36 -34.23
N PHE A 269 -13.15 14.62 -32.93
CA PHE A 269 -11.94 15.24 -32.44
C PHE A 269 -10.76 14.30 -32.74
N PHE A 270 -10.91 13.03 -32.37
CA PHE A 270 -9.82 12.05 -32.50
C PHE A 270 -9.52 11.69 -33.95
N GLN A 271 -10.57 11.57 -34.77
CA GLN A 271 -10.44 11.37 -36.20
C GLN A 271 -9.70 12.55 -36.81
N SER A 272 -9.96 13.75 -36.29
CA SER A 272 -9.30 14.95 -36.80
C SER A 272 -7.81 14.95 -36.46
N LEU A 273 -7.51 14.66 -35.19
CA LEU A 273 -6.17 14.36 -34.73
C LEU A 273 -5.44 13.44 -35.69
N LEU A 274 -6.01 12.26 -35.92
CA LEU A 274 -5.40 11.26 -36.80
C LEU A 274 -5.21 11.74 -38.23
N LYS A 275 -6.20 12.43 -38.78
CA LYS A 275 -6.18 12.72 -40.20
C LYS A 275 -5.40 13.99 -40.45
N ALA A 276 -4.88 14.59 -39.38
CA ALA A 276 -4.02 15.75 -39.55
C ALA A 276 -2.60 15.50 -39.00
N THR A 277 -2.43 14.39 -38.28
CA THR A 277 -1.15 14.08 -37.61
C THR A 277 -0.69 12.63 -37.70
N GLY A 278 -1.57 11.74 -38.13
CA GLY A 278 -1.25 10.32 -38.18
C GLY A 278 -1.30 9.70 -36.80
N ILE A 279 -1.68 10.50 -35.82
CA ILE A 279 -1.73 10.02 -34.44
C ILE A 279 -3.11 9.48 -34.12
N ASP A 280 -3.14 8.25 -33.65
CA ASP A 280 -4.36 7.54 -33.33
C ASP A 280 -4.39 7.29 -31.85
N LEU A 281 -5.29 7.97 -31.13
CA LEU A 281 -5.31 7.86 -29.68
C LEU A 281 -6.59 7.22 -29.15
N GLU A 282 -6.50 6.69 -27.93
CA GLU A 282 -7.68 6.18 -27.24
C GLU A 282 -8.24 7.23 -26.31
N ASN A 283 -7.36 8.10 -25.80
CA ASN A 283 -7.70 9.06 -24.75
C ASN A 283 -6.54 10.05 -24.58
N ILE A 284 -6.85 11.30 -24.21
CA ILE A 284 -5.83 12.25 -23.74
C ILE A 284 -6.32 13.13 -22.58
N VAL A 285 -5.37 13.49 -21.73
CA VAL A 285 -5.60 14.34 -20.56
C VAL A 285 -4.54 15.44 -20.47
N TYR A 286 -4.97 16.67 -20.17
CA TYR A 286 -4.07 17.79 -19.95
C TYR A 286 -4.32 18.47 -18.60
N TYR A 287 -3.33 18.37 -17.71
CA TYR A 287 -3.35 19.06 -16.43
C TYR A 287 -2.38 20.26 -16.47
N LYS A 288 -2.81 21.43 -16.05
CA LYS A 288 -1.90 22.58 -15.95
C LYS A 288 -1.29 22.72 -14.55
N ASP A 289 -0.01 22.35 -14.41
CA ASP A 289 0.65 22.29 -13.09
C ASP A 289 1.95 23.08 -13.06
N GLU A 290 2.95 22.58 -12.34
CA GLU A 290 4.34 23.08 -12.39
C GLU A 290 4.89 23.05 -13.82
N THR A 291 4.33 22.13 -14.58
CA THR A 291 4.65 21.86 -15.97
C THR A 291 3.32 21.74 -16.68
N HIS A 292 3.29 21.79 -18.01
CA HIS A 292 2.05 21.37 -18.67
C HIS A 292 2.13 19.86 -18.83
N TYR A 293 1.21 19.15 -18.19
CA TYR A 293 1.28 17.70 -18.18
C TYR A 293 0.24 17.12 -19.13
N PHE A 294 0.66 16.11 -19.91
CA PHE A 294 -0.25 15.35 -20.77
C PHE A 294 -0.10 13.85 -20.53
N VAL A 295 -1.22 13.16 -20.31
CA VAL A 295 -1.16 11.71 -20.32
C VAL A 295 -2.10 11.21 -21.39
N MET A 296 -1.62 10.34 -22.28
CA MET A 296 -2.48 9.85 -23.37
C MET A 296 -2.28 8.35 -23.65
N THR A 297 -3.32 7.70 -24.17
CA THR A 297 -3.26 6.26 -24.42
C THR A 297 -3.28 5.94 -25.90
N ALA A 298 -2.34 5.11 -26.34
CA ALA A 298 -2.36 4.60 -27.71
C ALA A 298 -2.39 3.07 -27.74
N LYS A 299 -2.72 2.54 -28.90
CA LYS A 299 -2.61 1.12 -29.16
C LYS A 299 -1.35 0.89 -29.97
N LYS A 300 -0.92 -0.37 -30.02
CA LYS A 300 0.38 -0.75 -30.56
C LYS A 300 0.63 -0.40 -32.03
N GLN A 301 -0.37 -0.61 -32.90
CA GLN A 301 -0.14 -0.50 -34.33
C GLN A 301 0.16 0.93 -34.78
N CYS A 302 -0.42 1.88 -34.08
CA CYS A 302 -0.12 3.26 -34.32
C CYS A 302 1.32 3.56 -33.95
N LEU A 303 1.71 3.16 -32.74
CA LEU A 303 3.06 3.44 -32.24
C LEU A 303 4.13 2.72 -33.05
N LEU A 304 3.73 1.69 -33.77
CA LEU A 304 4.66 1.01 -34.67
C LEU A 304 4.77 1.84 -35.91
N ARG A 305 3.62 2.08 -36.54
CA ARG A 305 3.56 2.81 -37.82
C ARG A 305 4.36 4.10 -37.82
N LEU A 306 4.45 4.75 -36.67
CA LEU A 306 5.10 6.05 -36.54
C LEU A 306 6.54 5.96 -36.08
N GLY A 307 7.07 4.73 -36.03
CA GLY A 307 8.44 4.52 -35.63
C GLY A 307 8.73 4.92 -34.19
N VAL A 308 7.69 4.99 -33.36
CA VAL A 308 7.91 5.27 -31.95
C VAL A 308 8.53 4.02 -31.32
N LEU A 309 8.01 2.86 -31.70
CA LEU A 309 8.62 1.59 -31.29
C LEU A 309 9.30 0.90 -32.49
N ARG A 310 10.39 0.19 -32.23
CA ARG A 310 11.20 -0.40 -33.32
C ARG A 310 10.64 -1.73 -33.85
N GLN A 311 10.33 -2.70 -32.99
CA GLN A 311 9.63 -3.89 -33.48
C GLN A 311 8.40 -4.32 -32.67
N ASP A 312 7.63 -5.26 -33.23
CA ASP A 312 6.45 -5.84 -32.58
C ASP A 312 6.85 -6.97 -31.61
N LEU A 313 7.22 -6.59 -30.40
CA LEU A 313 7.60 -7.54 -29.38
C LEU A 313 6.37 -8.06 -28.64
N SER A 314 6.37 -9.35 -28.35
CA SER A 314 5.22 -9.97 -27.68
C SER A 314 5.16 -9.59 -26.19
N GLU A 315 6.31 -9.60 -25.53
CA GLU A 315 6.33 -9.26 -24.11
C GLU A 315 6.40 -7.75 -23.88
N THR A 316 5.40 -7.24 -23.17
CA THR A 316 5.18 -5.80 -23.05
C THR A 316 6.33 -5.10 -22.33
N ASP A 317 6.92 -5.80 -21.36
CA ASP A 317 8.06 -5.27 -20.63
C ASP A 317 9.27 -5.02 -21.55
N GLN A 318 9.30 -5.74 -22.67
CA GLN A 318 10.36 -5.55 -23.68
C GLN A 318 9.93 -4.59 -24.77
N LEU A 319 8.63 -4.58 -25.03
CA LEU A 319 8.03 -3.66 -25.98
C LEU A 319 8.29 -2.21 -25.62
N LEU A 320 8.33 -1.89 -24.32
CA LEU A 320 8.51 -0.51 -23.88
C LEU A 320 9.82 -0.32 -23.15
N GLY A 321 10.81 -1.16 -23.49
CA GLY A 321 12.15 -1.09 -22.93
C GLY A 321 12.98 -0.07 -23.67
N LYS A 322 14.12 0.32 -23.09
CA LYS A 322 14.91 1.42 -23.66
C LYS A 322 15.35 1.11 -25.08
N ALA A 323 15.48 -0.18 -25.39
CA ALA A 323 16.06 -0.62 -26.65
C ALA A 323 15.07 -0.52 -27.79
N ASN A 324 13.78 -0.56 -27.47
CA ASN A 324 12.73 -0.66 -28.47
C ASN A 324 11.97 0.65 -28.62
N VAL A 325 12.11 1.51 -27.63
CA VAL A 325 11.51 2.84 -27.67
C VAL A 325 12.46 3.86 -28.33
N VAL A 326 11.96 4.59 -29.31
CA VAL A 326 12.76 5.59 -30.03
C VAL A 326 12.49 7.00 -29.47
N PRO A 327 13.42 7.53 -28.67
CA PRO A 327 13.18 8.81 -27.97
C PRO A 327 12.81 9.96 -28.91
N GLU A 328 13.50 10.10 -30.05
CA GLU A 328 13.18 11.08 -31.09
C GLU A 328 11.67 11.16 -31.32
N ALA A 329 11.16 10.01 -31.74
CA ALA A 329 9.83 9.87 -32.30
C ALA A 329 8.77 9.99 -31.26
N LEU A 330 9.04 9.44 -30.08
CA LEU A 330 8.11 9.57 -28.97
C LEU A 330 7.99 11.04 -28.58
N GLN A 331 9.10 11.75 -28.62
CA GLN A 331 9.05 13.20 -28.39
C GLN A 331 8.14 13.88 -29.42
N ARG A 332 8.45 13.69 -30.71
CA ARG A 332 7.64 14.33 -31.77
C ARG A 332 6.14 13.96 -31.69
N PHE A 333 5.85 12.68 -31.44
CA PHE A 333 4.51 12.13 -31.25
C PHE A 333 3.79 12.81 -30.08
N ALA A 334 4.42 12.76 -28.91
CA ALA A 334 3.90 13.42 -27.72
C ALA A 334 3.61 14.88 -27.98
N ARG A 335 4.60 15.62 -28.49
CA ARG A 335 4.47 17.05 -28.73
C ARG A 335 3.36 17.33 -29.75
N ALA A 336 3.20 16.44 -30.72
CA ALA A 336 2.23 16.67 -31.79
C ALA A 336 0.84 16.55 -31.22
N ALA A 337 0.56 15.40 -30.58
CA ALA A 337 -0.69 15.21 -29.86
C ALA A 337 -1.01 16.41 -28.94
N ALA A 338 -0.09 16.70 -28.02
CA ALA A 338 -0.21 17.82 -27.09
C ALA A 338 -0.61 19.11 -27.78
N ASP A 339 0.11 19.47 -28.85
CA ASP A 339 -0.17 20.69 -29.60
C ASP A 339 -1.58 20.68 -30.22
N PHE A 340 -2.03 19.52 -30.67
CA PHE A 340 -3.33 19.43 -31.33
C PHE A 340 -4.49 19.58 -30.36
N ALA A 341 -4.40 18.87 -29.23
CA ALA A 341 -5.47 18.83 -28.25
C ALA A 341 -5.71 20.19 -27.61
N THR A 342 -4.69 21.03 -27.64
CA THR A 342 -4.79 22.35 -27.05
C THR A 342 -4.87 23.46 -28.10
N HIS A 343 -5.07 23.06 -29.36
CA HIS A 343 -5.27 23.98 -30.49
C HIS A 343 -4.16 25.02 -30.58
N GLY A 344 -2.94 24.57 -30.32
CA GLY A 344 -1.77 25.42 -30.32
C GLY A 344 -1.87 26.65 -29.42
N LYS A 345 -2.90 26.72 -28.60
CA LYS A 345 -3.09 27.86 -27.72
C LYS A 345 -1.94 27.97 -26.72
N LEU A 346 -1.27 26.85 -26.48
CA LEU A 346 -0.17 26.81 -25.52
C LEU A 346 1.15 27.43 -26.04
N GLY A 347 1.31 27.53 -27.35
CA GLY A 347 2.52 28.11 -27.92
C GLY A 347 3.47 27.03 -28.38
N LYS A 348 4.65 27.39 -28.89
CA LYS A 348 5.57 26.33 -29.29
C LYS A 348 6.13 25.69 -28.02
N LEU A 349 5.87 24.39 -27.89
CA LEU A 349 6.09 23.64 -26.65
C LEU A 349 7.54 23.23 -26.42
N GLU A 350 8.05 23.48 -25.23
CA GLU A 350 9.38 22.99 -24.88
C GLU A 350 9.27 21.89 -23.85
N PHE A 351 10.10 20.86 -23.95
CA PHE A 351 10.03 19.82 -22.95
C PHE A 351 10.68 20.27 -21.69
N ALA A 352 10.11 19.85 -20.58
CA ALA A 352 10.81 19.93 -19.32
C ALA A 352 11.82 18.79 -19.31
N GLN A 353 12.81 18.89 -18.44
CA GLN A 353 13.74 17.79 -18.21
C GLN A 353 13.12 16.80 -17.24
N ASP A 354 13.53 15.54 -17.30
CA ASP A 354 13.26 14.64 -16.18
C ASP A 354 14.38 14.92 -15.17
N ALA A 355 14.43 14.21 -14.05
CA ALA A 355 15.48 14.44 -13.06
C ALA A 355 16.88 14.24 -13.62
N ARG A 356 16.97 13.82 -14.88
CA ARG A 356 18.25 13.47 -15.48
C ARG A 356 18.57 14.22 -16.76
N GLY A 357 17.69 15.12 -17.19
CA GLY A 357 18.07 16.07 -18.21
C GLY A 357 17.64 15.79 -19.64
N ARG A 358 17.21 14.56 -19.92
CA ARG A 358 16.62 14.28 -21.23
C ARG A 358 15.15 14.72 -21.18
N PRO A 359 14.55 15.01 -22.35
CA PRO A 359 13.16 15.45 -22.43
C PRO A 359 12.19 14.57 -21.64
N ASP A 360 11.28 15.22 -20.93
CA ASP A 360 10.33 14.53 -20.06
C ASP A 360 9.21 13.80 -20.81
N VAL A 361 9.54 12.74 -21.52
CA VAL A 361 8.49 11.88 -22.08
C VAL A 361 8.77 10.44 -21.72
N ALA A 362 7.79 9.76 -21.13
CA ALA A 362 7.97 8.36 -20.84
C ALA A 362 6.80 7.52 -21.37
N ALA A 363 7.08 6.25 -21.67
CA ALA A 363 6.04 5.30 -22.08
C ALA A 363 5.91 4.16 -21.08
N PHE A 364 4.68 3.94 -20.62
CA PHE A 364 4.36 2.93 -19.61
C PHE A 364 3.36 1.89 -20.14
N ASP A 365 3.35 0.72 -19.49
CA ASP A 365 2.32 -0.29 -19.72
C ASP A 365 1.02 0.03 -18.97
N PHE A 366 -0.06 0.25 -19.73
CA PHE A 366 -1.38 0.47 -19.16
C PHE A 366 -2.26 -0.79 -19.13
N THR A 367 -1.76 -1.88 -19.71
CA THR A 367 -2.56 -3.07 -19.88
C THR A 367 -3.05 -3.76 -18.60
N SER A 368 -2.31 -3.64 -17.49
CA SER A 368 -2.63 -4.45 -16.30
C SER A 368 -3.55 -3.82 -15.28
N MET A 369 -4.33 -4.68 -14.61
CA MET A 369 -5.11 -4.33 -13.41
C MET A 369 -4.67 -5.13 -12.18
N MET A 370 -3.39 -5.01 -11.81
CA MET A 370 -2.82 -5.79 -10.71
C MET A 370 -3.54 -5.51 -9.37
N ARG A 371 -3.62 -6.56 -8.55
CA ARG A 371 -4.19 -6.54 -7.21
C ARG A 371 -3.43 -7.59 -6.41
N ALA A 372 -3.13 -7.31 -5.14
CA ALA A 372 -2.48 -8.31 -4.27
C ALA A 372 -3.54 -9.16 -3.58
N GLU A 373 -3.31 -10.46 -3.31
CA GLU A 373 -4.37 -11.24 -2.67
C GLU A 373 -4.75 -10.65 -1.29
N SER A 374 -3.78 -10.32 -0.44
CA SER A 374 -4.07 -9.61 0.80
C SER A 374 -3.39 -8.24 0.96
N SER A 375 -3.84 -7.50 1.96
CA SER A 375 -3.31 -6.17 2.26
C SER A 375 -2.41 -6.24 3.50
N ALA A 376 -2.32 -7.45 4.05
CA ALA A 376 -1.56 -7.69 5.26
C ALA A 376 -1.44 -9.18 5.53
N ARG A 377 -0.45 -9.50 6.35
CA ARG A 377 -0.10 -10.87 6.74
C ARG A 377 0.56 -10.78 8.12
N VAL A 378 0.62 -11.89 8.83
CA VAL A 378 1.35 -11.86 10.09
C VAL A 378 2.34 -13.01 10.11
N GLN A 379 3.57 -12.73 10.52
CA GLN A 379 4.55 -13.78 10.67
C GLN A 379 4.99 -13.86 12.11
N GLU A 380 5.41 -15.04 12.52
CA GLU A 380 5.71 -15.29 13.92
C GLU A 380 6.87 -16.28 14.07
N LYS A 381 7.95 -15.85 14.71
CA LYS A 381 9.06 -16.76 14.96
C LYS A 381 9.76 -16.39 16.26
N HIS A 382 10.12 -17.43 17.04
CA HIS A 382 10.68 -17.27 18.38
C HIS A 382 9.83 -16.32 19.23
N GLY A 383 8.52 -16.40 19.03
CA GLY A 383 7.56 -15.68 19.84
C GLY A 383 7.32 -14.29 19.31
N ALA A 384 8.19 -13.84 18.41
CA ALA A 384 8.10 -12.49 17.87
C ALA A 384 7.06 -12.44 16.77
N ARG A 385 6.07 -11.58 16.98
CA ARG A 385 5.03 -11.37 15.99
C ARG A 385 5.39 -10.17 15.12
N LEU A 386 5.10 -10.27 13.83
CA LEU A 386 5.34 -9.19 12.89
C LEU A 386 4.11 -9.01 12.02
N LEU A 387 3.63 -7.77 12.00
CA LEU A 387 2.45 -7.39 11.22
C LEU A 387 2.88 -6.71 9.91
N LEU A 388 2.80 -7.48 8.82
CA LEU A 388 3.05 -6.96 7.49
C LEU A 388 1.79 -6.33 6.96
N GLY A 389 1.90 -5.15 6.35
CA GLY A 389 0.76 -4.55 5.70
C GLY A 389 1.21 -3.70 4.52
N LEU A 390 0.53 -3.85 3.38
CA LEU A 390 0.85 -3.10 2.16
C LEU A 390 0.07 -1.79 2.05
N VAL A 391 0.68 -0.82 1.36
CA VAL A 391 0.08 0.50 1.14
C VAL A 391 0.52 1.08 -0.23
N GLY A 392 -0.43 1.52 -1.04
CA GLY A 392 -0.05 2.25 -2.25
C GLY A 392 -0.07 1.50 -3.57
N ASP A 393 0.88 1.82 -4.43
CA ASP A 393 0.91 1.17 -5.74
C ASP A 393 1.28 -0.31 -5.62
N CYS A 394 1.82 -0.70 -4.46
CA CYS A 394 2.24 -2.07 -4.27
C CYS A 394 1.06 -2.92 -3.85
N LEU A 395 -0.01 -2.25 -3.41
CA LEU A 395 -1.25 -2.92 -2.99
C LEU A 395 -2.23 -3.07 -4.13
N VAL A 396 -2.66 -1.96 -4.72
CA VAL A 396 -3.50 -2.02 -5.91
C VAL A 396 -2.92 -1.08 -6.95
N GLU A 397 -2.77 -1.61 -8.17
CA GLU A 397 -2.26 -0.85 -9.30
C GLU A 397 -3.31 0.15 -9.77
N PRO A 398 -2.99 1.45 -9.64
CA PRO A 398 -3.89 2.56 -9.98
C PRO A 398 -4.03 2.73 -11.48
N PHE A 399 -5.14 3.29 -11.93
CA PHE A 399 -5.26 3.62 -13.33
C PHE A 399 -5.10 5.12 -13.42
N TRP A 400 -4.13 5.57 -14.21
CA TRP A 400 -3.72 6.97 -14.17
C TRP A 400 -4.75 7.97 -14.73
N PRO A 401 -5.30 7.74 -15.96
CA PRO A 401 -6.36 8.62 -16.45
C PRO A 401 -7.54 8.82 -15.49
N LEU A 402 -7.99 7.75 -14.84
CA LEU A 402 -9.14 7.83 -13.94
C LEU A 402 -8.76 8.28 -12.52
N GLY A 403 -7.50 8.70 -12.39
CA GLY A 403 -7.00 9.44 -11.24
C GLY A 403 -7.26 8.84 -9.87
N THR A 404 -6.86 7.60 -9.72
CA THR A 404 -7.17 6.85 -8.50
C THR A 404 -6.03 6.96 -7.48
N GLY A 405 -4.91 6.29 -7.79
CA GLY A 405 -3.64 6.41 -7.08
C GLY A 405 -3.60 7.03 -5.71
N VAL A 406 -3.62 8.36 -5.65
CA VAL A 406 -3.49 9.05 -4.37
C VAL A 406 -4.59 8.65 -3.38
N ALA A 407 -5.84 8.75 -3.86
CA ALA A 407 -7.04 8.41 -3.10
C ALA A 407 -7.02 7.01 -2.47
N ARG A 408 -6.83 6.01 -3.33
CA ARG A 408 -6.91 4.64 -2.89
C ARG A 408 -5.68 4.33 -2.06
N GLY A 409 -4.55 4.96 -2.37
CA GLY A 409 -3.36 4.75 -1.58
C GLY A 409 -3.52 5.29 -0.16
N PHE A 410 -4.05 6.50 -0.05
CA PHE A 410 -4.26 7.10 1.26
C PHE A 410 -5.21 6.25 2.04
N LEU A 411 -6.32 5.84 1.43
CA LEU A 411 -7.23 4.92 2.13
C LEU A 411 -6.50 3.68 2.64
N ALA A 412 -5.68 3.06 1.78
CA ALA A 412 -4.89 1.91 2.17
C ALA A 412 -4.04 2.23 3.36
N ALA A 413 -3.57 3.47 3.40
CA ALA A 413 -2.63 3.85 4.43
C ALA A 413 -3.40 4.05 5.73
N PHE A 414 -4.60 4.60 5.62
CA PHE A 414 -5.42 4.84 6.80
C PHE A 414 -5.80 3.51 7.38
N ASP A 415 -6.12 2.55 6.51
CA ASP A 415 -6.62 1.23 6.90
C ASP A 415 -5.52 0.39 7.51
N ALA A 416 -4.31 0.61 7.00
CA ALA A 416 -3.09 0.13 7.64
C ALA A 416 -2.92 0.76 9.04
N ALA A 417 -3.05 2.07 9.16
CA ALA A 417 -2.86 2.72 10.45
C ALA A 417 -3.89 2.20 11.47
N TRP A 418 -5.10 1.98 10.98
CA TRP A 418 -6.19 1.43 11.76
C TRP A 418 -5.81 0.05 12.28
N MET A 419 -5.41 -0.79 11.32
CA MET A 419 -4.89 -2.13 11.58
C MET A 419 -3.88 -2.10 12.73
N VAL A 420 -2.81 -1.33 12.53
CA VAL A 420 -1.78 -1.16 13.54
C VAL A 420 -2.39 -0.81 14.91
N LYS A 421 -3.31 0.16 14.93
CA LYS A 421 -3.98 0.59 16.17
C LYS A 421 -4.64 -0.57 16.91
N ARG A 422 -5.40 -1.40 16.18
CA ARG A 422 -5.99 -2.64 16.72
C ARG A 422 -4.95 -3.60 17.28
N TRP A 423 -3.87 -3.76 16.52
CA TRP A 423 -2.78 -4.69 16.85
C TRP A 423 -2.04 -4.25 18.13
N ALA A 424 -2.06 -2.94 18.40
CA ALA A 424 -1.48 -2.42 19.63
C ALA A 424 -2.42 -2.73 20.80
N GLU A 425 -3.71 -2.47 20.59
CA GLU A 425 -4.76 -2.86 21.52
C GLU A 425 -4.74 -4.35 21.85
N GLY A 426 -3.87 -5.09 21.14
CA GLY A 426 -3.61 -6.49 21.42
C GLY A 426 -4.72 -7.45 21.05
N ALA A 427 -5.28 -7.31 19.86
CA ALA A 427 -6.28 -8.26 19.38
C ALA A 427 -5.55 -9.38 18.65
N GLY A 428 -6.17 -10.56 18.61
CA GLY A 428 -5.56 -11.70 17.93
C GLY A 428 -5.20 -11.38 16.50
N PRO A 429 -4.07 -11.93 16.04
CA PRO A 429 -3.63 -11.76 14.64
C PRO A 429 -4.76 -11.99 13.68
N LEU A 430 -5.45 -13.12 13.84
CA LEU A 430 -6.57 -13.40 12.94
C LEU A 430 -7.63 -12.28 13.00
N GLU A 431 -7.88 -11.71 14.17
CA GLU A 431 -8.83 -10.60 14.28
C GLU A 431 -8.39 -9.38 13.44
N VAL A 432 -7.24 -8.84 13.80
CA VAL A 432 -6.58 -7.73 13.08
C VAL A 432 -6.58 -7.88 11.54
N LEU A 433 -6.27 -9.11 11.12
CA LEU A 433 -6.17 -9.42 9.73
C LEU A 433 -7.54 -9.50 9.08
N ALA A 434 -8.48 -10.16 9.76
CA ALA A 434 -9.84 -10.35 9.25
C ALA A 434 -10.45 -8.97 9.01
N GLU A 435 -10.44 -8.15 10.04
CA GLU A 435 -10.84 -6.75 9.94
C GLU A 435 -10.20 -6.05 8.73
N ARG A 436 -8.87 -6.18 8.60
CA ARG A 436 -8.19 -5.56 7.46
C ARG A 436 -8.70 -6.11 6.12
N GLU A 437 -9.10 -7.37 6.07
CA GLU A 437 -9.49 -7.95 4.78
C GLU A 437 -10.92 -7.54 4.40
N SER A 438 -11.76 -7.39 5.40
CA SER A 438 -13.08 -6.84 5.17
C SER A 438 -12.98 -5.42 4.62
N LEU A 439 -12.01 -4.66 5.15
CA LEU A 439 -11.75 -3.31 4.61
C LEU A 439 -11.20 -3.37 3.18
N TYR A 440 -10.24 -4.26 3.00
CA TYR A 440 -9.56 -4.47 1.73
C TYR A 440 -10.54 -4.76 0.61
N GLN A 441 -11.57 -5.54 0.90
CA GLN A 441 -12.56 -5.93 -0.11
C GLN A 441 -13.08 -4.71 -0.85
N LEU A 442 -13.21 -3.63 -0.10
CA LEU A 442 -13.86 -2.45 -0.62
C LEU A 442 -13.01 -1.67 -1.61
N LEU A 443 -11.71 -1.73 -1.40
CA LEU A 443 -10.78 -0.81 -2.04
C LEU A 443 -10.96 -0.74 -3.55
N SER A 444 -10.90 -1.89 -4.22
CA SER A 444 -10.69 -1.84 -5.68
C SER A 444 -11.86 -1.26 -6.47
N GLN A 445 -12.95 -0.98 -5.77
CA GLN A 445 -14.15 -0.43 -6.40
C GLN A 445 -14.61 0.88 -5.75
N THR A 446 -13.71 1.55 -5.03
CA THR A 446 -14.07 2.78 -4.31
C THR A 446 -14.15 3.97 -5.24
N SER A 447 -14.99 4.92 -4.85
CA SER A 447 -15.11 6.16 -5.59
C SER A 447 -15.76 7.16 -4.64
N PRO A 448 -15.57 8.48 -4.92
CA PRO A 448 -16.20 9.49 -4.06
C PRO A 448 -17.71 9.27 -3.94
N GLU A 449 -18.32 8.73 -5.01
CA GLU A 449 -19.76 8.49 -5.06
C GLU A 449 -20.24 7.33 -4.20
N ASN A 450 -19.38 6.35 -3.93
CA ASN A 450 -19.81 5.25 -3.07
C ASN A 450 -19.13 5.30 -1.70
N MET A 451 -18.45 6.41 -1.42
CA MET A 451 -17.98 6.70 -0.07
C MET A 451 -18.75 7.88 0.51
N HIS A 452 -18.54 8.19 1.79
CA HIS A 452 -19.27 9.28 2.46
C HIS A 452 -19.08 10.65 1.81
N ARG A 453 -20.00 11.57 2.12
CA ARG A 453 -20.07 12.86 1.45
C ARG A 453 -19.40 13.94 2.28
N ASN A 454 -19.56 13.86 3.59
CA ASN A 454 -18.87 14.79 4.46
C ASN A 454 -17.40 14.38 4.56
N VAL A 455 -16.61 14.87 3.60
CA VAL A 455 -15.19 14.56 3.55
C VAL A 455 -14.41 15.39 4.58
N ALA A 456 -15.04 16.46 5.05
CA ALA A 456 -14.43 17.33 6.04
C ALA A 456 -14.04 16.54 7.26
N GLN A 457 -14.83 15.52 7.57
CA GLN A 457 -14.57 14.71 8.75
C GLN A 457 -14.23 13.27 8.39
N TYR A 458 -13.14 13.08 7.65
CA TYR A 458 -12.55 11.75 7.49
C TYR A 458 -11.37 11.50 8.45
N GLY A 459 -11.41 10.36 9.12
CA GLY A 459 -10.32 9.96 9.99
C GLY A 459 -10.04 8.47 9.91
N LEU A 460 -9.02 8.03 10.65
CA LEU A 460 -8.59 6.64 10.68
C LEU A 460 -9.72 5.61 10.78
N ASP A 461 -10.73 5.90 11.60
CA ASP A 461 -11.87 5.01 11.80
C ASP A 461 -12.57 4.75 10.46
N PRO A 462 -12.70 3.47 10.10
CA PRO A 462 -13.18 3.05 8.78
C PRO A 462 -14.60 3.53 8.52
N ALA A 463 -15.34 3.71 9.62
CA ALA A 463 -16.77 4.00 9.55
C ALA A 463 -17.04 5.46 9.22
N THR A 464 -15.99 6.29 9.26
CA THR A 464 -16.13 7.69 8.90
C THR A 464 -15.95 7.87 7.40
N ARG A 465 -15.49 6.81 6.73
CA ARG A 465 -15.14 6.89 5.32
C ARG A 465 -16.04 5.99 4.47
N TYR A 466 -16.25 4.76 4.94
CA TYR A 466 -16.97 3.73 4.19
C TYR A 466 -18.40 3.56 4.71
N PRO A 467 -19.41 3.93 3.90
CA PRO A 467 -20.83 3.77 4.30
C PRO A 467 -21.23 2.31 4.44
N ASN A 468 -22.25 2.02 5.25
CA ASN A 468 -22.78 0.65 5.43
C ASN A 468 -21.71 -0.40 5.77
N LEU A 469 -20.85 -0.08 6.74
CA LEU A 469 -19.60 -0.81 6.95
C LEU A 469 -19.70 -2.13 7.71
N ASN A 470 -19.22 -3.20 7.07
CA ASN A 470 -19.19 -4.53 7.66
C ASN A 470 -17.77 -5.02 7.94
N LEU A 471 -17.33 -4.87 9.19
CA LEU A 471 -15.99 -5.27 9.61
C LEU A 471 -15.91 -6.78 9.83
N ARG A 472 -16.97 -7.45 9.38
CA ARG A 472 -17.17 -8.87 9.61
C ARG A 472 -17.32 -9.60 8.29
N ALA A 473 -17.20 -8.87 7.19
CA ALA A 473 -17.24 -9.46 5.85
C ALA A 473 -16.31 -10.68 5.74
N VAL A 474 -15.16 -10.57 6.41
CA VAL A 474 -14.14 -11.61 6.46
C VAL A 474 -13.87 -12.01 7.91
N THR A 475 -13.94 -13.31 8.20
CA THR A 475 -13.84 -13.76 9.57
C THR A 475 -12.51 -14.45 9.83
N PRO A 476 -12.01 -14.39 11.09
CA PRO A 476 -10.71 -14.92 11.49
C PRO A 476 -10.38 -16.29 10.93
N ASN A 477 -11.41 -17.12 10.73
CA ASN A 477 -11.22 -18.47 10.20
C ASN A 477 -10.62 -18.51 8.80
N GLN A 478 -11.21 -17.73 7.90
CA GLN A 478 -10.78 -17.69 6.51
C GLN A 478 -9.35 -17.17 6.36
N VAL A 479 -8.95 -16.28 7.26
CA VAL A 479 -7.68 -15.59 7.13
C VAL A 479 -6.50 -16.32 7.78
N GLN A 480 -6.69 -17.60 8.10
CA GLN A 480 -5.63 -18.41 8.68
C GLN A 480 -4.44 -18.55 7.74
N ASP A 481 -4.72 -18.39 6.45
CA ASP A 481 -3.69 -18.38 5.43
C ASP A 481 -2.68 -17.28 5.64
N LEU A 482 -3.14 -16.14 6.16
CA LEU A 482 -2.33 -14.94 6.21
C LEU A 482 -1.51 -14.89 7.47
N TYR A 483 -1.78 -15.86 8.34
CA TYR A 483 -1.08 -16.01 9.61
C TYR A 483 -0.06 -17.13 9.49
N ASP A 484 1.20 -16.75 9.56
CA ASP A 484 2.31 -17.63 9.21
C ASP A 484 3.15 -17.96 10.45
N MET A 485 2.94 -19.13 11.05
CA MET A 485 3.69 -19.43 12.25
C MET A 485 4.72 -20.52 12.07
N MET A 486 5.99 -20.13 12.17
CA MET A 486 7.13 -20.98 11.82
C MET A 486 7.70 -21.74 13.04
N ASP A 487 7.09 -21.53 14.19
CA ASP A 487 7.53 -22.15 15.44
C ASP A 487 6.84 -23.49 15.70
N GLY A 509 -1.92 -25.41 25.20
CA GLY A 509 -3.33 -25.73 25.06
C GLY A 509 -3.67 -26.71 23.92
N THR A 510 -3.06 -26.49 22.75
CA THR A 510 -3.28 -27.34 21.59
C THR A 510 -2.23 -28.45 21.58
N GLU A 511 -1.24 -28.29 22.47
CA GLU A 511 -0.23 -29.31 22.71
C GLU A 511 -0.84 -30.70 22.92
N GLU A 512 -1.74 -30.76 23.90
CA GLU A 512 -2.35 -32.01 24.35
C GLU A 512 -3.33 -32.65 23.35
N LEU A 513 -4.02 -31.84 22.56
CA LEU A 513 -4.89 -32.43 21.54
C LEU A 513 -4.06 -33.19 20.50
N LEU A 514 -2.95 -32.59 20.08
CA LEU A 514 -2.03 -33.24 19.15
C LEU A 514 -1.48 -34.52 19.76
N HIS A 515 -0.84 -34.41 20.93
CA HIS A 515 -0.31 -35.59 21.62
C HIS A 515 -1.36 -36.72 21.70
N TRP A 516 -2.59 -36.38 22.11
CA TRP A 516 -3.69 -37.34 22.28
C TRP A 516 -4.07 -38.02 20.97
N CYS A 517 -4.19 -37.23 19.89
CA CYS A 517 -4.50 -37.77 18.55
C CYS A 517 -3.39 -38.70 18.02
N GLN A 518 -2.16 -38.28 18.22
CA GLN A 518 -1.01 -39.14 17.95
C GLN A 518 -1.18 -40.50 18.68
N GLU A 519 -1.57 -40.46 19.96
CA GLU A 519 -1.85 -41.67 20.76
C GLU A 519 -2.98 -42.55 20.21
N GLN A 520 -4.11 -41.93 19.89
CA GLN A 520 -5.26 -42.71 19.42
C GLN A 520 -5.00 -43.30 18.06
N THR A 521 -4.12 -42.68 17.27
CA THR A 521 -3.95 -43.13 15.89
C THR A 521 -2.67 -43.91 15.62
N ALA A 522 -1.91 -44.27 16.64
CA ALA A 522 -0.71 -45.05 16.39
C ALA A 522 -1.14 -46.39 15.80
N GLY A 523 -0.27 -47.00 15.00
CA GLY A 523 -0.52 -48.35 14.54
C GLY A 523 -1.27 -48.50 13.22
N PHE A 524 -1.86 -47.42 12.72
CA PHE A 524 -2.50 -47.50 11.42
C PHE A 524 -1.47 -47.30 10.34
N PRO A 525 -1.56 -48.12 9.27
CA PRO A 525 -0.46 -48.28 8.30
C PRO A 525 -0.06 -46.97 7.58
N GLY A 526 -1.04 -46.24 7.08
CA GLY A 526 -0.75 -45.05 6.31
C GLY A 526 -1.00 -43.75 7.05
N VAL A 527 -1.03 -43.83 8.38
CA VAL A 527 -1.40 -42.67 9.21
C VAL A 527 -0.24 -42.21 10.10
N HIS A 528 -0.09 -40.90 10.21
CA HIS A 528 1.04 -40.25 10.87
C HIS A 528 0.67 -38.78 11.17
N VAL A 529 0.18 -38.53 12.37
CA VAL A 529 -0.41 -37.24 12.74
C VAL A 529 0.61 -36.22 13.25
N THR A 530 0.74 -35.11 12.54
CA THR A 530 1.75 -34.10 12.89
C THR A 530 1.18 -32.67 13.01
N ASP A 531 -0.08 -32.50 12.64
CA ASP A 531 -0.70 -31.18 12.63
C ASP A 531 -2.21 -31.32 12.52
N PHE A 532 -2.91 -30.19 12.42
CA PHE A 532 -4.36 -30.22 12.30
C PHE A 532 -4.74 -29.74 10.91
N SER A 533 -3.87 -30.08 9.96
CA SER A 533 -4.08 -29.76 8.57
C SER A 533 -3.72 -30.92 7.62
N SER A 534 -2.47 -30.93 7.13
CA SER A 534 -2.04 -31.87 6.09
C SER A 534 -2.05 -33.36 6.52
N SER A 535 -1.88 -33.60 7.82
CA SER A 535 -1.88 -34.98 8.34
C SER A 535 -3.22 -35.61 8.06
N TRP A 536 -4.25 -34.78 8.02
CA TRP A 536 -5.62 -35.25 7.92
C TRP A 536 -6.21 -35.05 6.55
N ALA A 537 -5.41 -34.59 5.60
CA ALA A 537 -5.96 -34.30 4.28
C ALA A 537 -6.55 -35.56 3.65
N ASP A 538 -5.78 -36.64 3.61
CA ASP A 538 -6.32 -37.93 3.18
C ASP A 538 -7.14 -38.50 4.33
N GLY A 539 -8.29 -39.10 3.99
CA GLY A 539 -9.24 -39.52 5.01
C GLY A 539 -8.70 -40.43 6.11
N LEU A 540 -7.72 -41.27 5.72
CA LEU A 540 -7.08 -42.27 6.58
C LEU A 540 -7.01 -41.84 8.03
N ALA A 541 -6.39 -40.68 8.23
CA ALA A 541 -6.15 -40.14 9.56
C ALA A 541 -7.38 -40.27 10.47
N LEU A 542 -8.47 -39.63 10.05
CA LEU A 542 -9.72 -39.59 10.81
C LEU A 542 -10.25 -41.01 11.14
N CYS A 543 -10.19 -41.90 10.17
CA CYS A 543 -10.72 -43.24 10.35
C CYS A 543 -9.95 -43.93 11.47
N ALA A 544 -8.64 -43.71 11.48
CA ALA A 544 -7.77 -44.36 12.46
C ALA A 544 -8.22 -44.03 13.88
N LEU A 545 -8.75 -42.82 14.03
CA LEU A 545 -9.28 -42.37 15.30
C LEU A 545 -10.56 -43.11 15.61
N VAL A 546 -11.51 -42.99 14.68
CA VAL A 546 -12.86 -43.47 14.89
C VAL A 546 -12.84 -44.97 15.13
N HIS A 547 -12.19 -45.70 14.22
CA HIS A 547 -12.02 -47.14 14.33
C HIS A 547 -11.42 -47.52 15.68
N HIS A 548 -10.45 -46.74 16.17
CA HIS A 548 -9.82 -47.07 17.44
C HIS A 548 -10.76 -46.77 18.61
N LEU A 549 -11.52 -45.69 18.50
CA LEU A 549 -12.40 -45.24 19.58
C LEU A 549 -13.60 -46.17 19.74
N GLN A 550 -14.12 -46.64 18.61
CA GLN A 550 -15.20 -47.59 18.64
C GLN A 550 -14.95 -48.71 17.65
N PRO A 551 -14.20 -49.74 18.07
CA PRO A 551 -14.00 -50.89 17.17
C PRO A 551 -15.17 -51.84 17.30
N GLY A 552 -15.43 -52.67 16.31
CA GLY A 552 -14.84 -52.52 15.00
C GLY A 552 -16.02 -52.57 14.01
N LEU A 553 -16.19 -51.50 13.28
CA LEU A 553 -17.03 -51.56 12.12
C LEU A 553 -16.13 -51.92 10.94
N LEU A 554 -14.85 -51.57 11.10
CA LEU A 554 -13.75 -51.86 10.19
C LEU A 554 -13.98 -51.07 8.93
N GLN A 560 -10.99 -51.57 3.90
CA GLN A 560 -9.90 -50.98 4.73
C GLN A 560 -9.32 -49.63 4.17
N GLY A 561 -8.26 -49.72 3.34
CA GLY A 561 -7.66 -48.58 2.66
C GLY A 561 -8.59 -48.26 1.50
N MET A 562 -9.34 -47.17 1.67
CA MET A 562 -10.52 -46.84 0.85
C MET A 562 -10.26 -45.97 -0.37
N GLY A 563 -10.28 -44.66 -0.12
CA GLY A 563 -10.19 -43.62 -1.13
C GLY A 563 -9.70 -42.42 -0.36
N ALA A 564 -10.19 -41.22 -0.70
CA ALA A 564 -9.75 -39.99 -0.03
C ALA A 564 -10.95 -39.22 0.49
N LEU A 565 -11.87 -38.99 -0.43
CA LEU A 565 -13.20 -38.49 -0.15
C LEU A 565 -14.00 -39.54 0.65
N GLU A 566 -13.86 -40.80 0.21
CA GLU A 566 -14.54 -41.94 0.82
C GLU A 566 -14.25 -42.07 2.29
N ALA A 567 -12.98 -41.92 2.65
CA ALA A 567 -12.55 -42.13 4.02
C ALA A 567 -12.99 -40.99 4.90
N THR A 568 -12.95 -39.79 4.33
CA THR A 568 -13.26 -38.61 5.11
C THR A 568 -14.72 -38.63 5.44
N THR A 569 -15.54 -38.90 4.43
CA THR A 569 -16.99 -38.96 4.64
C THR A 569 -17.37 -40.17 5.50
N TRP A 570 -16.61 -41.26 5.39
CA TRP A 570 -16.81 -42.41 6.28
C TRP A 570 -16.66 -41.97 7.72
N ALA A 571 -15.48 -41.42 8.02
CA ALA A 571 -15.20 -40.95 9.36
C ALA A 571 -16.30 -39.98 9.86
N LEU A 572 -16.64 -38.98 9.06
CA LEU A 572 -17.53 -37.95 9.55
C LEU A 572 -18.93 -38.51 9.84
N ARG A 573 -19.47 -39.25 8.88
CA ARG A 573 -20.74 -39.94 9.06
C ARG A 573 -20.70 -40.84 10.32
N VAL A 574 -19.77 -41.80 10.35
CA VAL A 574 -19.67 -42.75 11.46
C VAL A 574 -19.44 -42.10 12.84
N ALA A 575 -18.48 -41.21 12.98
CA ALA A 575 -18.36 -40.41 14.20
C ALA A 575 -19.69 -39.72 14.56
N GLU A 576 -20.44 -39.25 13.55
CA GLU A 576 -21.72 -38.58 13.79
C GLU A 576 -22.78 -39.52 14.33
N HIS A 577 -22.93 -40.69 13.71
CA HIS A 577 -23.97 -41.63 14.10
C HIS A 577 -23.63 -42.43 15.38
N GLU A 578 -22.41 -42.94 15.43
CA GLU A 578 -21.93 -43.68 16.58
C GLU A 578 -21.56 -42.79 17.77
N LEU A 579 -20.56 -41.91 17.61
CA LEU A 579 -20.03 -41.15 18.75
C LEU A 579 -20.89 -39.95 19.20
N GLY A 580 -21.76 -39.45 18.32
CA GLY A 580 -22.60 -38.32 18.65
C GLY A 580 -21.90 -36.98 18.44
N ILE A 581 -21.10 -36.92 17.39
CA ILE A 581 -20.25 -35.77 17.09
C ILE A 581 -20.62 -35.22 15.70
N THR A 582 -21.33 -34.09 15.66
CA THR A 582 -21.70 -33.51 14.38
C THR A 582 -20.50 -32.81 13.77
N PRO A 583 -20.42 -32.78 12.43
CA PRO A 583 -19.23 -32.26 11.74
C PRO A 583 -19.10 -30.75 11.83
N VAL A 584 -17.94 -30.28 12.26
CA VAL A 584 -17.70 -28.86 12.23
C VAL A 584 -17.22 -28.47 10.84
N LEU A 585 -16.13 -29.11 10.40
CA LEU A 585 -15.61 -28.94 9.04
C LEU A 585 -16.45 -29.67 7.98
N SER A 586 -16.47 -29.14 6.76
CA SER A 586 -16.96 -29.88 5.60
C SER A 586 -15.98 -31.03 5.35
N ALA A 587 -16.37 -32.04 4.58
CA ALA A 587 -15.40 -33.07 4.20
C ALA A 587 -14.33 -32.44 3.29
N GLN A 588 -14.74 -31.44 2.53
CA GLN A 588 -13.83 -30.76 1.64
C GLN A 588 -12.88 -29.89 2.41
N ALA A 589 -13.35 -29.26 3.48
CA ALA A 589 -12.45 -28.45 4.30
C ALA A 589 -11.32 -29.31 4.88
N VAL A 590 -11.66 -30.48 5.41
CA VAL A 590 -10.68 -31.38 5.99
C VAL A 590 -9.72 -31.84 4.90
N MET A 591 -10.27 -32.19 3.75
CA MET A 591 -9.45 -32.72 2.66
C MET A 591 -8.53 -31.67 2.09
N ALA A 592 -8.97 -30.41 2.11
CA ALA A 592 -8.17 -29.35 1.54
C ALA A 592 -7.18 -28.80 2.55
N GLY A 593 -7.25 -29.27 3.79
CA GLY A 593 -6.48 -28.72 4.88
C GLY A 593 -6.69 -27.23 5.15
N SER A 594 -7.83 -26.69 4.73
CA SER A 594 -8.08 -25.25 4.76
C SER A 594 -8.30 -24.65 6.14
N ASP A 595 -8.85 -25.43 7.07
CA ASP A 595 -9.27 -24.86 8.35
C ASP A 595 -8.74 -25.62 9.56
N PRO A 596 -7.44 -25.44 9.89
CA PRO A 596 -6.84 -25.89 11.15
C PRO A 596 -7.71 -25.70 12.39
N LEU A 597 -8.13 -24.47 12.68
CA LEU A 597 -8.97 -24.17 13.83
C LEU A 597 -10.25 -25.02 13.85
N GLY A 598 -10.87 -25.16 12.69
CA GLY A 598 -12.12 -25.91 12.56
C GLY A 598 -11.90 -27.36 12.91
N LEU A 599 -10.82 -27.92 12.35
CA LEU A 599 -10.47 -29.30 12.61
C LEU A 599 -10.13 -29.50 14.09
N ILE A 600 -9.45 -28.53 14.70
CA ILE A 600 -9.17 -28.63 16.12
C ILE A 600 -10.48 -28.63 16.91
N ALA A 601 -11.42 -27.79 16.52
CA ALA A 601 -12.69 -27.70 17.21
C ALA A 601 -13.44 -29.04 17.14
N TYR A 602 -13.54 -29.60 15.93
CA TYR A 602 -14.07 -30.96 15.72
C TYR A 602 -13.39 -31.98 16.64
N LEU A 603 -12.07 -32.10 16.52
CA LEU A 603 -11.29 -33.12 17.24
C LEU A 603 -11.44 -33.03 18.76
N SER A 604 -11.35 -31.80 19.26
CA SER A 604 -11.53 -31.51 20.69
C SER A 604 -12.78 -32.16 21.32
N HIS A 605 -13.75 -32.55 20.50
CA HIS A 605 -14.93 -33.21 20.99
C HIS A 605 -14.69 -34.69 21.31
N PHE A 606 -13.99 -35.38 20.41
CA PHE A 606 -13.49 -36.74 20.69
C PHE A 606 -12.59 -36.69 21.91
N HIS A 607 -11.84 -35.60 22.01
CA HIS A 607 -11.01 -35.38 23.16
C HIS A 607 -11.88 -35.26 24.42
N SER A 608 -12.98 -34.51 24.34
CA SER A 608 -13.84 -34.25 25.49
C SER A 608 -14.41 -35.55 26.01
N ALA A 609 -14.88 -36.35 25.06
CA ALA A 609 -15.66 -37.53 25.39
C ALA A 609 -14.78 -38.69 25.86
N PHE A 610 -13.59 -38.84 25.30
CA PHE A 610 -12.87 -40.10 25.52
C PHE A 610 -11.53 -40.01 26.21
N LYS A 611 -11.14 -38.82 26.67
CA LYS A 611 -9.79 -38.70 27.24
C LYS A 611 -9.75 -39.40 28.58
N ASN A 612 -10.76 -39.14 29.43
CA ASN A 612 -10.79 -39.73 30.75
C ASN A 612 -10.99 -41.24 30.70
N THR A 613 -10.99 -41.78 29.49
CA THR A 613 -11.14 -43.22 29.27
C THR A 613 -9.94 -43.80 28.51
#